data_1HDT
#
_entry.id   1HDT
#
_cell.length_a   108.970
_cell.length_b   80.920
_cell.length_c   46.170
_cell.angle_alpha   90.00
_cell.angle_beta   90.00
_cell.angle_gamma   90.00
#
_symmetry.space_group_name_H-M   'P 21 21 2'
#
loop_
_entity.id
_entity.type
_entity.pdbx_description
1 polymer ALPHA-THROMBIN
2 polymer ALPHA-THROMBIN
3 polymer 'HIRUGEN PEPTIDE'
4 non-polymer 'methyl N-(4-carbamimidamidobutanoyl)-L-phenylalanyl-L-allothreonyl-L-phenylalaninate'
5 water water
#
loop_
_entity_poly.entity_id
_entity_poly.type
_entity_poly.pdbx_seq_one_letter_code
_entity_poly.pdbx_strand_id
1 'polypeptide(L)' SGEADCGLRPLFEKKSLEDKTERELLESYIDGR L
2 'polypeptide(L)'
;IVEGSDAEIGMSPWQVMLFRKSPQELLCGASLISDRWVLTAAHCLLYPPWDKNFTENDLLVRIGKHSRTRYERNIEKISM
LEKIYIHPRYNWRENLDRDIALMKLKKPVAFSDYIHPVCLPDRETAASLLQAGYKGRVTGWGNLKETWTANVGKGQPSVL
QVVNLPIVERPVCKDSTRIRITDNMFCAGYKPDEGKRGDACEGDSGGPFVMKSPFNNRWYQMGIVSWGEGCDRDGKYGFY
THVFRLKKWIQKVIDQFGE
;
H
3 'polypeptide(L)' GDFEEIPEE(TYS)LQ P
#
loop_
_chem_comp.id
_chem_comp.type
_chem_comp.name
_chem_comp.formula
0E7 peptide-like 'methyl N-(4-carbamimidamidobutanoyl)-L-phenylalanyl-L-allothreonyl-L-phenylalaninate' 'C28 H38 N6 O6'
#
# COMPACT_ATOMS: atom_id res chain seq x y z
N SER A 1 -4.81 17.15 6.78
CA SER A 1 -3.66 16.34 6.35
C SER A 1 -2.42 17.20 6.14
N GLY A 2 -1.74 17.58 7.23
CA GLY A 2 -0.52 18.40 7.12
C GLY A 2 0.46 17.77 6.13
N GLU A 3 0.37 18.20 4.86
CA GLU A 3 1.23 17.68 3.79
C GLU A 3 1.96 18.74 2.95
N ALA A 4 1.20 19.73 2.43
CA ALA A 4 1.70 20.85 1.60
C ALA A 4 2.41 20.52 0.28
N ASP A 5 3.34 19.56 0.30
CA ASP A 5 4.06 19.15 -0.90
C ASP A 5 4.04 17.63 -1.05
N CYS A 6 2.89 17.04 -0.79
CA CYS A 6 2.72 15.60 -0.89
C CYS A 6 3.13 15.10 -2.25
N GLY A 7 3.37 13.79 -2.29
CA GLY A 7 3.72 13.11 -3.51
C GLY A 7 5.07 13.45 -4.09
N LEU A 8 5.75 14.43 -3.48
CA LEU A 8 7.07 14.87 -3.92
C LEU A 8 8.22 14.25 -3.12
N ARG A 9 8.94 13.30 -3.71
CA ARG A 9 10.05 12.67 -3.00
C ARG A 9 11.28 13.57 -2.93
N PRO A 10 11.92 13.62 -1.74
CA PRO A 10 13.11 14.44 -1.52
C PRO A 10 14.33 13.98 -2.33
N LEU A 11 14.44 12.68 -2.61
CA LEU A 11 15.58 12.13 -3.36
C LEU A 11 15.40 11.91 -4.86
N PHE A 12 14.37 12.51 -5.45
CA PHE A 12 14.14 12.37 -6.89
C PHE A 12 13.48 13.65 -7.38
N GLU A 13 12.16 13.75 -7.26
CA GLU A 13 11.41 14.94 -7.70
C GLU A 13 12.05 16.23 -7.23
N LYS A 14 12.29 16.30 -5.93
CA LYS A 14 12.88 17.48 -5.35
C LYS A 14 14.33 17.73 -5.81
N LYS A 15 15.00 16.72 -6.30
CA LYS A 15 16.37 16.91 -6.77
C LYS A 15 16.41 16.49 -8.23
N SER A 16 15.27 16.65 -8.90
CA SER A 16 15.07 16.29 -10.31
C SER A 16 15.66 14.98 -10.82
N LEU A 17 15.58 13.92 -10.00
CA LEU A 17 16.10 12.62 -10.42
C LEU A 17 15.01 11.56 -10.69
N GLU A 18 15.31 10.61 -11.56
CA GLU A 18 14.39 9.55 -11.98
C GLU A 18 14.75 8.20 -11.33
N ASP A 19 13.86 7.22 -11.41
CA ASP A 19 14.17 5.93 -10.83
C ASP A 19 14.16 4.80 -11.87
N LYS A 20 14.73 3.67 -11.50
CA LYS A 20 14.85 2.51 -12.35
C LYS A 20 13.61 2.13 -13.19
N THR A 21 12.44 2.64 -12.81
CA THR A 21 11.22 2.31 -13.57
C THR A 21 10.17 3.39 -13.78
N GLU A 22 10.43 4.63 -13.37
CA GLU A 22 9.45 5.69 -13.57
C GLU A 22 8.94 5.76 -15.00
N ARG A 23 9.84 6.00 -15.94
CA ARG A 23 9.48 6.12 -17.34
C ARG A 23 8.61 4.99 -17.87
N GLU A 24 8.54 3.89 -17.14
CA GLU A 24 7.69 2.78 -17.58
C GLU A 24 6.27 3.25 -17.31
N LEU A 25 6.06 3.73 -16.10
CA LEU A 25 4.77 4.25 -15.69
C LEU A 25 4.40 5.32 -16.69
N LEU A 26 5.15 6.42 -16.68
CA LEU A 26 4.93 7.55 -17.56
C LEU A 26 4.79 7.24 -19.05
N GLU A 27 5.13 6.02 -19.45
CA GLU A 27 4.98 5.64 -20.87
C GLU A 27 3.72 4.80 -21.12
N SER A 28 3.10 4.33 -20.03
CA SER A 28 1.88 3.52 -20.08
C SER A 28 0.71 4.38 -20.48
N TYR A 29 0.80 5.68 -20.19
CA TYR A 29 -0.26 6.60 -20.57
C TYR A 29 -0.23 6.68 -22.11
N ILE A 30 -0.58 5.55 -22.72
CA ILE A 30 -0.58 5.28 -24.18
C ILE A 30 0.82 5.30 -24.77
N ASP A 31 1.54 6.41 -24.60
CA ASP A 31 2.91 6.44 -25.11
C ASP A 31 3.82 7.53 -24.55
N GLY A 32 5.12 7.25 -24.64
CA GLY A 32 6.13 8.17 -24.16
C GLY A 32 6.42 9.26 -25.17
N ARG A 33 6.14 8.98 -26.44
CA ARG A 33 6.34 9.95 -27.52
C ARG A 33 4.99 10.57 -27.94
N ILE B 1 5.37 -9.53 -2.75
CA ILE B 1 5.38 -9.05 -4.13
C ILE B 1 6.05 -10.14 -4.97
N VAL B 2 5.28 -10.80 -5.83
CA VAL B 2 5.79 -11.86 -6.67
C VAL B 2 6.56 -11.24 -7.86
N GLU B 3 7.65 -11.87 -8.24
CA GLU B 3 8.45 -11.40 -9.37
C GLU B 3 8.58 -9.88 -9.44
N GLY B 4 8.91 -9.27 -8.31
CA GLY B 4 9.13 -7.84 -8.25
C GLY B 4 10.64 -7.51 -8.38
N SER B 5 11.04 -6.39 -7.78
CA SER B 5 12.42 -5.95 -7.81
C SER B 5 12.68 -5.19 -6.52
N ASP B 6 13.92 -5.13 -6.07
CA ASP B 6 14.20 -4.42 -4.83
C ASP B 6 14.02 -2.96 -5.11
N ALA B 7 13.46 -2.25 -4.13
CA ALA B 7 13.24 -0.82 -4.25
C ALA B 7 14.57 -0.10 -4.29
N GLU B 8 14.58 1.14 -3.85
CA GLU B 8 15.77 1.95 -3.83
C GLU B 8 15.55 2.78 -2.60
N ILE B 9 16.59 3.39 -2.11
CA ILE B 9 16.42 4.22 -0.94
C ILE B 9 15.55 5.41 -1.33
N GLY B 10 14.57 5.72 -0.46
CA GLY B 10 13.67 6.86 -0.64
C GLY B 10 12.74 6.89 -1.85
N MET B 11 12.55 5.74 -2.47
CA MET B 11 11.70 5.58 -3.63
C MET B 11 10.19 5.62 -3.35
N SER B 12 9.82 5.48 -2.07
CA SER B 12 8.42 5.49 -1.61
C SER B 12 8.49 5.88 -0.16
N PRO B 13 8.77 7.14 0.12
CA PRO B 13 8.85 7.59 1.50
C PRO B 13 7.50 7.56 2.23
N TRP B 14 6.46 6.98 1.63
CA TRP B 14 5.16 6.97 2.28
C TRP B 14 4.76 5.59 2.73
N GLN B 15 5.49 4.58 2.27
CA GLN B 15 5.16 3.23 2.69
C GLN B 15 5.43 3.09 4.19
N VAL B 16 4.40 2.67 4.93
CA VAL B 16 4.48 2.48 6.38
C VAL B 16 4.45 0.99 6.64
N MET B 17 4.81 0.58 7.86
CA MET B 17 4.85 -0.85 8.24
C MET B 17 4.07 -1.10 9.50
N LEU B 18 3.02 -1.92 9.35
CA LEU B 18 2.17 -2.32 10.47
C LEU B 18 2.93 -3.44 11.17
N PHE B 19 3.40 -3.08 12.37
CA PHE B 19 4.18 -3.99 13.15
C PHE B 19 3.49 -4.42 14.44
N ARG B 20 3.39 -5.72 14.60
CA ARG B 20 2.78 -6.27 15.78
C ARG B 20 3.81 -6.42 16.89
N LYS B 21 3.48 -5.90 18.07
CA LYS B 21 4.34 -6.00 19.23
C LYS B 21 4.60 -7.44 19.73
N SER B 22 3.55 -8.19 20.07
CA SER B 22 3.72 -9.53 20.64
C SER B 22 2.73 -10.60 20.22
N PRO B 23 3.17 -11.62 19.45
CA PRO B 23 4.49 -11.88 18.90
C PRO B 23 4.93 -10.65 18.16
N GLN B 24 6.23 -10.57 17.87
CA GLN B 24 6.75 -9.43 17.12
C GLN B 24 6.61 -9.93 15.71
N GLU B 25 5.89 -9.20 14.86
CA GLU B 25 5.73 -9.64 13.47
C GLU B 25 5.18 -8.59 12.53
N LEU B 26 5.40 -8.84 11.23
CA LEU B 26 4.94 -7.96 10.17
C LEU B 26 3.46 -8.22 9.96
N LEU B 27 2.65 -7.17 10.16
CA LEU B 27 1.20 -7.30 9.96
C LEU B 27 0.83 -7.10 8.50
N CYS B 28 1.10 -5.89 8.00
CA CYS B 28 0.80 -5.47 6.63
C CYS B 28 1.45 -4.13 6.34
N GLY B 29 1.07 -3.57 5.18
CA GLY B 29 1.57 -2.27 4.73
C GLY B 29 0.73 -1.11 5.26
N ALA B 30 0.94 0.08 4.68
CA ALA B 30 0.19 1.26 5.09
C ALA B 30 0.67 2.46 4.26
N SER B 31 0.24 3.67 4.60
CA SER B 31 0.67 4.84 3.84
C SER B 31 0.62 6.09 4.67
N LEU B 32 1.72 6.84 4.74
CA LEU B 32 1.71 8.10 5.47
C LEU B 32 1.04 9.05 4.47
N ILE B 33 -0.08 9.63 4.87
CA ILE B 33 -0.86 10.57 4.03
C ILE B 33 -0.81 11.98 4.62
N SER B 34 -0.50 12.05 5.92
CA SER B 34 -0.40 13.29 6.66
C SER B 34 0.71 13.01 7.68
N ASP B 35 1.19 14.03 8.36
CA ASP B 35 2.22 13.83 9.34
C ASP B 35 1.74 12.98 10.51
N ARG B 36 0.42 12.96 10.72
CA ARG B 36 -0.17 12.23 11.84
C ARG B 36 -1.32 11.25 11.47
N TRP B 37 -1.43 10.94 10.18
CA TRP B 37 -2.46 10.04 9.70
C TRP B 37 -1.89 9.02 8.74
N VAL B 38 -2.18 7.75 9.00
CA VAL B 38 -1.70 6.63 8.17
C VAL B 38 -2.95 5.97 7.56
N LEU B 39 -2.76 5.16 6.53
CA LEU B 39 -3.89 4.53 5.83
C LEU B 39 -3.67 3.03 5.70
N THR B 40 -4.73 2.23 5.74
CA THR B 40 -4.53 0.79 5.63
C THR B 40 -5.82 0.14 5.22
N ALA B 41 -5.70 -1.12 4.80
CA ALA B 41 -6.80 -1.99 4.46
C ALA B 41 -7.48 -2.22 5.81
N ALA B 42 -8.78 -2.50 5.77
CA ALA B 42 -9.53 -2.76 6.99
C ALA B 42 -9.18 -4.15 7.57
N HIS B 43 -8.90 -5.12 6.71
CA HIS B 43 -8.63 -6.46 7.17
C HIS B 43 -7.35 -6.75 7.95
N CYS B 44 -6.44 -5.78 8.02
CA CYS B 44 -5.21 -5.96 8.81
C CYS B 44 -5.55 -5.81 10.27
N LEU B 45 -6.67 -5.16 10.52
CA LEU B 45 -7.08 -4.93 11.87
C LEU B 45 -8.35 -5.68 12.23
N LEU B 46 -9.15 -6.09 11.24
CA LEU B 46 -10.42 -6.77 11.54
C LEU B 46 -10.68 -7.98 10.70
N TYR B 47 -10.78 -9.13 11.35
CA TYR B 47 -11.06 -10.33 10.59
C TYR B 47 -11.58 -11.48 11.43
N PRO B 48 -12.84 -11.35 11.93
CA PRO B 48 -13.53 -12.35 12.75
C PRO B 48 -13.25 -13.79 12.47
N PRO B 49 -13.29 -14.22 11.20
CA PRO B 49 -13.02 -15.64 10.86
C PRO B 49 -11.59 -16.12 11.20
N TRP B 50 -10.74 -15.21 11.67
CA TRP B 50 -9.32 -15.47 12.02
C TRP B 50 -9.01 -14.76 13.33
N ASP B 51 -10.00 -14.35 14.08
CA ASP B 51 -9.69 -13.70 15.32
C ASP B 51 -8.79 -12.44 15.33
N LYS B 52 -8.86 -11.59 14.30
CA LYS B 52 -8.08 -10.34 14.34
C LYS B 52 -9.00 -9.21 14.75
N ASN B 53 -8.64 -8.46 15.77
CA ASN B 53 -9.44 -7.33 16.22
C ASN B 53 -8.48 -6.54 17.09
N PHE B 54 -7.39 -6.12 16.47
CA PHE B 54 -6.34 -5.40 17.18
C PHE B 54 -6.83 -4.06 17.72
N THR B 55 -6.23 -3.64 18.83
CA THR B 55 -6.55 -2.36 19.43
C THR B 55 -5.28 -1.55 19.20
N GLU B 56 -5.34 -0.25 19.42
CA GLU B 56 -4.17 0.57 19.20
C GLU B 56 -2.98 0.16 20.07
N ASN B 57 -3.24 -0.18 21.33
CA ASN B 57 -2.18 -0.60 22.24
C ASN B 57 -1.81 -2.08 21.97
N ASP B 58 -1.58 -2.42 20.71
CA ASP B 58 -1.26 -3.77 20.28
C ASP B 58 -0.45 -3.67 18.98
N LEU B 59 -0.18 -2.44 18.55
CA LEU B 59 0.49 -2.19 17.26
C LEU B 59 1.52 -1.11 17.28
N LEU B 60 2.36 -1.14 16.24
CA LEU B 60 3.39 -0.15 16.01
C LEU B 60 3.51 0.21 14.50
N VAL B 61 3.72 1.49 14.21
CA VAL B 61 3.91 1.94 12.84
C VAL B 61 5.38 2.38 12.66
N ARG B 62 6.10 1.65 11.80
CA ARG B 62 7.51 1.90 11.49
C ARG B 62 7.61 2.60 10.13
N ILE B 63 8.05 3.85 10.13
CA ILE B 63 8.22 4.63 8.90
C ILE B 63 9.69 4.94 8.57
N GLY B 64 10.06 4.84 7.32
CA GLY B 64 11.44 5.12 6.94
C GLY B 64 12.13 3.81 6.65
N LYS B 65 11.41 2.72 6.77
CA LYS B 65 12.01 1.43 6.57
C LYS B 65 12.49 1.14 5.17
N HIS B 66 13.01 -0.06 4.95
CA HIS B 66 13.54 -0.46 3.65
C HIS B 66 13.92 -1.87 3.85
N SER B 67 14.30 -2.17 5.09
CA SER B 67 14.71 -3.51 5.53
C SER B 67 13.54 -4.11 6.29
N ARG B 68 13.12 -5.29 5.88
CA ARG B 68 12.02 -5.98 6.52
C ARG B 68 12.38 -6.31 7.97
N THR B 69 13.54 -6.95 8.17
CA THR B 69 13.97 -7.37 9.52
C THR B 69 14.82 -6.47 10.42
N ARG B 70 15.76 -5.74 9.85
CA ARG B 70 16.66 -4.90 10.66
C ARG B 70 15.88 -3.93 11.46
N TYR B 71 16.62 -3.03 12.13
CA TYR B 71 16.05 -1.97 12.91
C TYR B 71 16.82 -0.69 12.52
N GLU B 72 16.66 -0.26 11.27
CA GLU B 72 17.35 0.94 10.79
C GLU B 72 17.27 2.18 11.67
N ARG B 73 18.12 2.17 12.69
CA ARG B 73 18.21 3.26 13.66
C ARG B 73 18.68 4.56 13.05
N ASN B 74 18.10 5.64 13.55
CA ASN B 74 18.37 7.00 13.10
C ASN B 74 17.98 7.21 11.65
N ILE B 75 17.27 6.23 11.11
CA ILE B 75 16.74 6.29 9.76
C ILE B 75 15.22 6.14 9.93
N GLU B 76 14.74 4.93 10.20
CA GLU B 76 13.29 4.70 10.41
C GLU B 76 12.79 5.48 11.63
N LYS B 77 11.49 5.40 11.87
CA LYS B 77 10.87 6.08 13.01
C LYS B 77 9.67 5.23 13.44
N ILE B 78 9.59 4.94 14.73
CA ILE B 78 8.54 4.10 15.25
C ILE B 78 7.51 4.94 15.97
N SER B 79 6.25 4.74 15.57
CA SER B 79 5.14 5.49 16.16
C SER B 79 4.05 4.64 16.76
N MET B 80 3.49 5.14 17.87
CA MET B 80 2.40 4.51 18.61
C MET B 80 1.06 5.10 18.19
N LEU B 81 0.02 4.27 18.18
CA LEU B 81 -1.32 4.70 17.77
C LEU B 81 -2.22 5.28 18.87
N GLU B 82 -3.10 6.18 18.47
CA GLU B 82 -4.03 6.87 19.35
C GLU B 82 -5.49 6.38 19.17
N LYS B 83 -5.87 6.00 17.95
CA LYS B 83 -7.22 5.51 17.66
C LYS B 83 -7.09 4.77 16.35
N ILE B 84 -8.05 3.90 16.07
CA ILE B 84 -8.10 3.11 14.83
C ILE B 84 -9.51 3.34 14.23
N TYR B 85 -9.60 3.97 13.06
CA TYR B 85 -10.90 4.23 12.43
C TYR B 85 -11.14 3.32 11.25
N ILE B 86 -12.10 2.42 11.37
CA ILE B 86 -12.37 1.49 10.26
C ILE B 86 -13.68 1.94 9.60
N HIS B 87 -13.89 1.60 8.33
CA HIS B 87 -15.11 2.00 7.64
C HIS B 87 -16.30 1.23 8.22
N PRO B 88 -17.30 1.94 8.78
CA PRO B 88 -18.49 1.35 9.40
C PRO B 88 -19.15 0.25 8.57
N ARG B 89 -19.11 0.40 7.26
CA ARG B 89 -19.73 -0.56 6.35
C ARG B 89 -18.75 -1.59 5.83
N TYR B 90 -17.62 -1.76 6.52
CA TYR B 90 -16.59 -2.74 6.14
C TYR B 90 -17.31 -4.12 6.16
N ASN B 91 -17.20 -4.84 5.05
CA ASN B 91 -17.89 -6.11 4.86
C ASN B 91 -16.91 -7.25 4.81
N TRP B 92 -16.68 -7.86 5.97
CA TRP B 92 -15.71 -8.97 6.05
C TRP B 92 -16.21 -10.34 5.64
N ARG B 93 -17.52 -10.55 5.69
CA ARG B 93 -18.18 -11.83 5.37
C ARG B 93 -18.13 -12.40 3.94
N GLU B 94 -17.98 -11.55 2.94
CA GLU B 94 -17.99 -12.07 1.58
C GLU B 94 -16.96 -11.53 0.62
N ASN B 95 -16.55 -10.27 0.75
CA ASN B 95 -15.60 -9.76 -0.23
C ASN B 95 -14.75 -8.54 0.19
N LEU B 96 -14.66 -8.30 1.50
CA LEU B 96 -13.88 -7.19 2.00
C LEU B 96 -14.21 -5.90 1.24
N ASP B 97 -15.50 -5.64 1.06
CA ASP B 97 -15.93 -4.44 0.35
C ASP B 97 -15.66 -3.32 1.35
N ARG B 98 -15.25 -2.17 0.87
CA ARG B 98 -14.96 -1.04 1.76
C ARG B 98 -13.82 -1.33 2.74
N ASP B 99 -12.81 -2.04 2.21
CA ASP B 99 -11.59 -2.47 2.89
C ASP B 99 -10.62 -1.31 2.99
N ILE B 100 -10.82 -0.47 3.99
CA ILE B 100 -10.03 0.72 4.22
C ILE B 100 -10.08 1.00 5.73
N ALA B 101 -9.04 1.64 6.27
CA ALA B 101 -8.89 1.96 7.70
C ALA B 101 -7.87 3.08 7.85
N LEU B 102 -8.13 3.97 8.80
CA LEU B 102 -7.31 5.15 9.08
C LEU B 102 -6.76 5.07 10.47
N MET B 103 -5.46 5.24 10.63
CA MET B 103 -4.84 5.20 11.95
C MET B 103 -4.37 6.57 12.41
N LYS B 104 -4.50 6.85 13.69
CA LYS B 104 -4.08 8.13 14.15
C LYS B 104 -2.91 8.00 15.13
N LEU B 105 -1.75 8.53 14.73
CA LEU B 105 -0.54 8.50 15.55
C LEU B 105 -0.66 9.29 16.87
N LYS B 106 -0.33 8.65 17.98
CA LYS B 106 -0.36 9.30 19.28
C LYS B 106 0.32 10.69 19.23
N LYS B 107 1.33 10.83 18.36
CA LYS B 107 2.05 12.08 18.20
C LYS B 107 2.49 12.15 16.74
N PRO B 108 2.82 13.34 16.24
CA PRO B 108 3.23 13.58 14.85
C PRO B 108 4.59 13.05 14.42
N VAL B 109 4.72 12.79 13.12
CA VAL B 109 5.97 12.32 12.55
C VAL B 109 6.62 13.46 11.78
N ALA B 110 7.93 13.56 11.87
CA ALA B 110 8.69 14.60 11.17
C ALA B 110 9.18 13.99 9.86
N PHE B 111 9.40 14.84 8.86
CA PHE B 111 9.84 14.35 7.57
C PHE B 111 11.34 14.42 7.38
N SER B 112 11.83 13.49 6.59
CA SER B 112 13.23 13.36 6.30
C SER B 112 13.28 12.76 4.88
N ASP B 113 14.48 12.59 4.34
CA ASP B 113 14.62 12.05 2.99
C ASP B 113 13.94 10.71 2.81
N TYR B 114 13.40 10.15 3.88
CA TYR B 114 12.76 8.83 3.75
C TYR B 114 11.34 8.75 4.27
N ILE B 115 10.87 9.81 4.91
CA ILE B 115 9.53 9.83 5.46
C ILE B 115 8.78 11.00 4.85
N HIS B 116 8.01 10.71 3.80
CA HIS B 116 7.21 11.72 3.12
C HIS B 116 5.82 11.20 2.79
N PRO B 117 4.78 12.03 3.03
CA PRO B 117 3.41 11.62 2.76
C PRO B 117 3.09 11.45 1.27
N VAL B 118 2.08 10.63 0.99
CA VAL B 118 1.61 10.41 -0.38
C VAL B 118 0.33 11.25 -0.49
N CYS B 119 0.00 11.65 -1.72
CA CYS B 119 -1.20 12.45 -1.97
C CYS B 119 -2.36 11.52 -2.23
N LEU B 120 -3.55 12.01 -1.83
CA LEU B 120 -4.85 11.35 -2.03
C LEU B 120 -5.45 12.07 -3.24
N PRO B 121 -5.85 11.33 -4.29
CA PRO B 121 -6.42 11.94 -5.49
C PRO B 121 -7.72 12.75 -5.36
N ASP B 122 -8.11 13.35 -6.49
CA ASP B 122 -9.31 14.17 -6.66
C ASP B 122 -10.04 13.55 -7.87
N ARG B 123 -11.25 14.03 -8.17
CA ARG B 123 -12.03 13.47 -9.30
C ARG B 123 -11.29 13.59 -10.63
N GLU B 124 -10.64 14.73 -10.82
CA GLU B 124 -9.89 14.90 -12.04
C GLU B 124 -8.66 14.00 -12.16
N THR B 125 -7.91 13.78 -11.07
CA THR B 125 -6.72 12.92 -11.17
C THR B 125 -7.21 11.50 -11.40
N ALA B 126 -8.30 11.16 -10.69
CA ALA B 126 -8.91 9.84 -10.80
C ALA B 126 -9.33 9.55 -12.22
N ALA B 127 -9.97 10.55 -12.82
CA ALA B 127 -10.46 10.46 -14.18
C ALA B 127 -9.36 10.27 -15.20
N SER B 128 -8.32 11.10 -15.10
CA SER B 128 -7.21 11.02 -16.03
C SER B 128 -6.39 9.74 -15.87
N LEU B 129 -5.95 9.45 -14.64
CA LEU B 129 -5.10 8.27 -14.33
C LEU B 129 -5.73 6.92 -14.18
N LEU B 130 -6.84 6.83 -13.45
CA LEU B 130 -7.51 5.55 -13.27
C LEU B 130 -8.14 5.06 -14.57
N GLN B 131 -7.33 4.49 -15.46
CA GLN B 131 -7.82 4.01 -16.76
C GLN B 131 -7.19 2.67 -17.11
N ALA B 132 -7.97 1.77 -17.67
CA ALA B 132 -7.49 0.44 -18.02
C ALA B 132 -6.31 0.49 -18.97
N GLY B 133 -5.17 -0.05 -18.54
CA GLY B 133 -4.00 -0.06 -19.38
C GLY B 133 -2.89 0.76 -18.77
N TYR B 134 -3.23 1.80 -18.03
CA TYR B 134 -2.23 2.60 -17.39
C TYR B 134 -1.55 1.74 -16.30
N LYS B 135 -0.36 2.13 -15.85
CA LYS B 135 0.36 1.36 -14.85
C LYS B 135 0.54 2.11 -13.54
N GLY B 136 0.27 1.42 -12.43
CA GLY B 136 0.44 2.01 -11.11
C GLY B 136 1.57 1.18 -10.50
N ARG B 137 2.03 1.56 -9.33
CA ARG B 137 3.13 0.84 -8.68
C ARG B 137 2.79 0.37 -7.27
N VAL B 138 3.15 -0.88 -6.96
CA VAL B 138 2.91 -1.45 -5.62
C VAL B 138 4.22 -1.84 -4.96
N THR B 139 4.36 -1.49 -3.70
CA THR B 139 5.56 -1.82 -2.95
C THR B 139 5.19 -2.40 -1.58
N GLY B 140 5.89 -3.45 -1.15
CA GLY B 140 5.63 -4.05 0.14
C GLY B 140 6.56 -5.17 0.53
N TRP B 141 6.56 -5.50 1.81
CA TRP B 141 7.41 -6.58 2.36
C TRP B 141 6.77 -7.98 2.47
N GLY B 142 5.56 -8.17 1.94
CA GLY B 142 4.87 -9.46 2.03
C GLY B 142 5.47 -10.51 1.11
N ASN B 143 4.95 -11.72 1.18
CA ASN B 143 5.40 -12.87 0.40
C ASN B 143 5.88 -12.66 -1.03
N LEU B 144 6.84 -13.48 -1.45
CA LEU B 144 7.40 -13.43 -2.80
C LEU B 144 6.76 -14.51 -3.67
N LYS B 145 6.06 -15.42 -3.02
CA LYS B 145 5.38 -16.52 -3.71
C LYS B 145 4.14 -16.85 -2.91
N GLU B 146 3.20 -17.50 -3.56
CA GLU B 146 1.94 -17.90 -2.93
C GLU B 146 2.23 -19.18 -2.16
N THR B 147 1.92 -19.23 -0.86
CA THR B 147 2.18 -20.45 -0.08
C THR B 147 1.81 -21.70 -0.86
N TRP B 148 2.83 -22.42 -1.32
CA TRP B 148 2.74 -23.64 -2.11
C TRP B 148 3.46 -24.72 -1.27
N THR B 149 2.90 -25.93 -1.19
CA THR B 149 3.59 -26.94 -0.39
C THR B 149 4.96 -27.24 -1.04
N ALA B 150 4.94 -27.43 -2.35
CA ALA B 150 6.11 -27.79 -3.11
C ALA B 150 7.13 -26.71 -3.48
N ASN B 151 6.99 -25.49 -2.98
CA ASN B 151 8.01 -24.55 -3.38
C ASN B 151 9.21 -24.54 -2.46
N VAL B 152 10.39 -24.62 -3.07
CA VAL B 152 11.63 -24.62 -2.31
C VAL B 152 11.99 -23.20 -1.95
N GLY B 153 12.81 -23.05 -0.92
CA GLY B 153 13.18 -21.72 -0.49
C GLY B 153 12.09 -21.11 0.37
N LYS B 154 12.43 -20.85 1.63
CA LYS B 154 11.51 -20.25 2.59
C LYS B 154 11.75 -18.75 2.42
N GLY B 155 11.21 -18.23 1.32
CA GLY B 155 11.39 -16.84 0.97
C GLY B 155 10.33 -15.77 1.25
N GLN B 156 10.85 -14.63 1.69
CA GLN B 156 10.10 -13.43 1.94
C GLN B 156 11.23 -12.38 1.80
N PRO B 157 10.91 -11.19 1.22
CA PRO B 157 11.88 -10.12 0.98
C PRO B 157 12.99 -9.80 1.99
N SER B 158 14.14 -9.40 1.43
CA SER B 158 15.32 -8.99 2.18
C SER B 158 15.07 -7.54 2.50
N VAL B 159 14.57 -6.85 1.48
CA VAL B 159 14.26 -5.44 1.57
C VAL B 159 12.98 -5.16 0.80
N LEU B 160 12.50 -3.92 0.93
CA LEU B 160 11.28 -3.43 0.29
C LEU B 160 11.20 -3.70 -1.22
N GLN B 161 10.26 -4.57 -1.60
CA GLN B 161 10.02 -4.95 -2.99
C GLN B 161 9.08 -3.99 -3.72
N VAL B 162 9.30 -3.81 -5.02
CA VAL B 162 8.48 -2.91 -5.84
C VAL B 162 8.11 -3.55 -7.16
N VAL B 163 6.88 -3.34 -7.60
CA VAL B 163 6.41 -3.86 -8.88
C VAL B 163 5.39 -2.89 -9.52
N ASN B 164 5.40 -2.82 -10.84
CA ASN B 164 4.53 -1.95 -11.61
C ASN B 164 3.55 -2.88 -12.25
N LEU B 165 2.28 -2.53 -12.13
CA LEU B 165 1.21 -3.35 -12.67
C LEU B 165 0.19 -2.49 -13.42
N PRO B 166 -0.29 -3.00 -14.56
CA PRO B 166 -1.27 -2.26 -15.34
C PRO B 166 -2.70 -2.44 -14.81
N ILE B 167 -3.54 -1.44 -15.07
CA ILE B 167 -4.95 -1.45 -14.69
C ILE B 167 -5.71 -2.30 -15.74
N VAL B 168 -6.57 -3.21 -15.32
CA VAL B 168 -7.33 -3.93 -16.34
C VAL B 168 -8.75 -3.37 -16.37
N GLU B 169 -9.46 -3.69 -17.46
CA GLU B 169 -10.82 -3.24 -17.66
C GLU B 169 -11.83 -4.02 -16.81
N ARG B 170 -12.64 -3.30 -16.04
CA ARG B 170 -13.63 -3.93 -15.16
C ARG B 170 -14.32 -5.22 -15.67
N PRO B 171 -14.74 -5.27 -16.95
CA PRO B 171 -15.37 -6.54 -17.35
C PRO B 171 -14.43 -7.75 -17.24
N VAL B 172 -13.15 -7.54 -17.58
CA VAL B 172 -12.14 -8.63 -17.52
C VAL B 172 -11.92 -9.11 -16.07
N CYS B 173 -11.87 -8.17 -15.14
CA CYS B 173 -11.72 -8.48 -13.73
C CYS B 173 -12.89 -9.40 -13.32
N LYS B 174 -14.12 -8.93 -13.57
CA LYS B 174 -15.36 -9.65 -13.25
C LYS B 174 -15.53 -11.05 -13.82
N ASP B 175 -15.07 -11.28 -15.04
CA ASP B 175 -15.23 -12.61 -15.62
C ASP B 175 -14.16 -13.59 -15.18
N SER B 176 -13.14 -13.08 -14.49
CA SER B 176 -12.05 -13.91 -13.99
C SER B 176 -12.40 -14.43 -12.60
N THR B 177 -13.19 -13.67 -11.87
CA THR B 177 -13.57 -14.11 -10.54
C THR B 177 -15.02 -14.56 -10.36
N ARG B 178 -15.25 -15.33 -9.31
CA ARG B 178 -16.58 -15.78 -8.93
C ARG B 178 -16.88 -15.02 -7.64
N ILE B 179 -15.95 -14.15 -7.24
CA ILE B 179 -16.17 -13.31 -6.05
C ILE B 179 -16.93 -12.12 -6.62
N ARG B 180 -17.86 -11.59 -5.85
CA ARG B 180 -18.66 -10.45 -6.29
C ARG B 180 -17.80 -9.21 -6.22
N ILE B 181 -17.55 -8.64 -7.39
CA ILE B 181 -16.74 -7.45 -7.55
C ILE B 181 -17.60 -6.32 -7.00
N THR B 182 -17.05 -5.11 -6.88
CA THR B 182 -17.83 -4.00 -6.36
C THR B 182 -17.20 -2.67 -6.77
N ASP B 183 -18.02 -1.64 -6.90
CA ASP B 183 -17.55 -0.32 -7.30
C ASP B 183 -16.39 0.20 -6.46
N ASN B 184 -16.29 -0.27 -5.23
CA ASN B 184 -15.24 0.19 -4.35
C ASN B 184 -13.96 -0.62 -4.49
N MET B 185 -13.84 -1.47 -5.51
CA MET B 185 -12.65 -2.28 -5.69
C MET B 185 -12.30 -2.54 -7.16
N PHE B 186 -11.08 -2.16 -7.58
CA PHE B 186 -10.59 -2.40 -8.96
C PHE B 186 -9.54 -3.50 -9.03
N CYS B 187 -8.99 -3.76 -10.21
CA CYS B 187 -8.00 -4.81 -10.32
C CYS B 187 -6.83 -4.43 -11.23
N ALA B 188 -5.66 -5.04 -11.01
CA ALA B 188 -4.48 -4.75 -11.78
C ALA B 188 -3.82 -6.08 -12.09
N GLY B 189 -2.82 -6.09 -12.96
CA GLY B 189 -2.12 -7.33 -13.28
C GLY B 189 -2.12 -7.54 -14.76
N TYR B 190 -1.16 -8.32 -15.26
CA TYR B 190 -1.11 -8.59 -16.69
C TYR B 190 -2.20 -9.58 -17.03
N LYS B 191 -2.56 -9.61 -18.30
CA LYS B 191 -3.60 -10.50 -18.78
C LYS B 191 -2.89 -11.65 -19.46
N PRO B 192 -3.56 -12.79 -19.61
CA PRO B 192 -2.96 -13.98 -20.25
C PRO B 192 -2.32 -13.83 -21.64
N ASP B 193 -2.60 -12.72 -22.31
CA ASP B 193 -2.05 -12.47 -23.65
C ASP B 193 -0.67 -11.80 -23.55
N GLU B 194 -0.45 -11.01 -22.50
CA GLU B 194 0.84 -10.37 -22.30
C GLU B 194 1.88 -11.40 -21.92
N GLY B 195 1.46 -12.49 -21.27
CA GLY B 195 2.40 -13.53 -20.87
C GLY B 195 3.18 -13.21 -19.61
N LYS B 196 3.48 -11.94 -19.36
CA LYS B 196 4.23 -11.54 -18.19
C LYS B 196 3.72 -11.99 -16.82
N ARG B 197 4.22 -11.39 -15.75
CA ARG B 197 3.80 -11.79 -14.43
C ARG B 197 4.24 -10.79 -13.38
N GLY B 198 3.77 -10.99 -12.15
CA GLY B 198 4.06 -10.08 -11.05
C GLY B 198 2.74 -9.93 -10.31
N ASP B 199 2.74 -9.50 -9.05
CA ASP B 199 1.52 -9.41 -8.28
C ASP B 199 1.89 -8.92 -6.90
N ALA B 200 0.88 -8.68 -6.06
CA ALA B 200 1.09 -8.34 -4.68
C ALA B 200 0.86 -9.72 -4.07
N CYS B 201 1.01 -9.86 -2.75
CA CYS B 201 0.77 -11.16 -2.13
C CYS B 201 0.67 -11.12 -0.62
N GLU B 202 0.50 -12.28 0.01
CA GLU B 202 0.32 -12.35 1.44
C GLU B 202 1.34 -11.56 2.21
N GLY B 203 0.87 -10.58 2.97
CA GLY B 203 1.74 -9.73 3.75
C GLY B 203 1.73 -8.35 3.17
N ASP B 204 1.39 -8.26 1.87
CA ASP B 204 1.32 -6.98 1.11
C ASP B 204 0.03 -6.14 1.33
N SER B 205 -1.02 -6.78 1.84
CA SER B 205 -2.29 -6.13 2.15
C SER B 205 -2.05 -4.77 2.84
N GLY B 206 -2.93 -3.80 2.60
CA GLY B 206 -2.79 -2.49 3.22
C GLY B 206 -1.80 -1.57 2.54
N GLY B 207 -1.10 -2.11 1.55
CA GLY B 207 -0.09 -1.32 0.87
C GLY B 207 -0.57 -0.34 -0.20
N PRO B 208 0.18 0.75 -0.44
CA PRO B 208 -0.28 1.69 -1.47
C PRO B 208 -0.15 1.09 -2.86
N PHE B 209 -0.83 1.73 -3.80
CA PHE B 209 -0.82 1.38 -5.22
C PHE B 209 -0.84 2.80 -5.75
N VAL B 210 0.32 3.36 -6.06
CA VAL B 210 0.31 4.73 -6.49
C VAL B 210 0.46 4.93 -7.94
N MET B 211 0.25 6.19 -8.33
CA MET B 211 0.38 6.64 -9.70
C MET B 211 0.92 8.07 -9.63
N LYS B 212 1.77 8.39 -10.59
CA LYS B 212 2.40 9.70 -10.69
C LYS B 212 1.67 10.51 -11.77
N SER B 213 1.27 11.72 -11.42
CA SER B 213 0.58 12.59 -12.36
C SER B 213 1.51 13.37 -13.26
N PRO B 214 1.45 13.14 -14.58
CA PRO B 214 2.32 13.86 -15.52
C PRO B 214 1.97 15.35 -15.69
N PHE B 215 0.87 15.80 -15.09
CA PHE B 215 0.49 17.20 -15.20
C PHE B 215 1.05 17.96 -14.00
N ASN B 216 1.63 17.25 -13.04
CA ASN B 216 2.25 17.98 -11.92
C ASN B 216 3.45 17.32 -11.21
N ASN B 217 3.92 16.19 -11.76
CA ASN B 217 5.10 15.53 -11.22
C ASN B 217 4.79 15.19 -9.75
N ARG B 218 3.63 14.58 -9.51
CA ARG B 218 3.22 14.23 -8.14
C ARG B 218 2.71 12.83 -8.00
N TRP B 219 3.10 12.19 -6.91
CA TRP B 219 2.68 10.83 -6.60
C TRP B 219 1.31 10.83 -5.90
N TYR B 220 0.45 9.95 -6.39
CA TYR B 220 -0.92 9.86 -5.90
C TYR B 220 -1.26 8.44 -5.57
N GLN B 221 -1.92 8.22 -4.41
CA GLN B 221 -2.34 6.84 -4.04
C GLN B 221 -3.72 6.55 -4.62
N MET B 222 -3.78 5.66 -5.60
CA MET B 222 -5.00 5.31 -6.26
C MET B 222 -5.68 4.12 -5.62
N GLY B 223 -4.91 3.32 -4.90
CA GLY B 223 -5.48 2.13 -4.28
C GLY B 223 -4.73 1.61 -3.07
N ILE B 224 -5.35 0.64 -2.41
CA ILE B 224 -4.83 0.02 -1.21
C ILE B 224 -4.75 -1.46 -1.53
N VAL B 225 -3.71 -2.14 -1.07
CA VAL B 225 -3.56 -3.57 -1.39
C VAL B 225 -4.67 -4.39 -0.68
N SER B 226 -5.40 -5.24 -1.41
CA SER B 226 -6.52 -5.92 -0.77
C SER B 226 -6.77 -7.40 -0.78
N TRP B 227 -6.99 -8.00 -1.92
CA TRP B 227 -7.27 -9.42 -1.97
C TRP B 227 -7.06 -9.97 -3.33
N GLY B 228 -7.22 -11.28 -3.45
CA GLY B 228 -7.05 -11.91 -4.75
C GLY B 228 -7.21 -13.38 -4.49
N GLU B 229 -7.14 -14.18 -5.52
CA GLU B 229 -7.24 -15.62 -5.30
C GLU B 229 -5.88 -16.15 -5.74
N GLY B 230 -5.10 -16.63 -4.79
CA GLY B 230 -3.78 -17.16 -5.12
C GLY B 230 -2.84 -15.98 -5.29
N CYS B 231 -1.58 -16.23 -5.63
CA CYS B 231 -0.64 -15.13 -5.86
C CYS B 231 0.03 -15.42 -7.19
N ASP B 232 -0.14 -14.54 -8.17
CA ASP B 232 0.52 -14.66 -9.48
C ASP B 232 -0.04 -15.77 -10.40
N ARG B 233 -1.18 -16.34 -10.05
CA ARG B 233 -1.78 -17.43 -10.84
C ARG B 233 -2.30 -17.08 -12.27
N ASP B 234 -2.23 -18.03 -13.19
CA ASP B 234 -2.70 -17.79 -14.56
C ASP B 234 -4.10 -17.16 -14.64
N GLY B 235 -4.29 -16.31 -15.65
CA GLY B 235 -5.55 -15.62 -15.86
C GLY B 235 -6.22 -15.04 -14.63
N LYS B 236 -5.43 -14.52 -13.71
CA LYS B 236 -6.01 -13.98 -12.50
C LYS B 236 -5.34 -12.63 -12.28
N TYR B 237 -5.98 -11.76 -11.50
CA TYR B 237 -5.50 -10.38 -11.27
C TYR B 237 -5.66 -10.08 -9.80
N GLY B 238 -5.18 -8.93 -9.34
CA GLY B 238 -5.27 -8.62 -7.93
C GLY B 238 -6.19 -7.45 -7.78
N PHE B 239 -6.81 -7.28 -6.59
CA PHE B 239 -7.80 -6.23 -6.31
C PHE B 239 -7.43 -5.15 -5.29
N TYR B 240 -7.67 -3.89 -5.64
CA TYR B 240 -7.34 -2.82 -4.74
C TYR B 240 -8.58 -2.03 -4.40
N THR B 241 -8.64 -1.55 -3.17
CA THR B 241 -9.73 -0.74 -2.68
C THR B 241 -9.62 0.57 -3.43
N HIS B 242 -10.68 0.96 -4.13
CA HIS B 242 -10.73 2.21 -4.87
C HIS B 242 -10.65 3.30 -3.81
N VAL B 243 -9.51 3.96 -3.69
CA VAL B 243 -9.35 5.00 -2.68
C VAL B 243 -10.22 6.19 -2.94
N PHE B 244 -10.34 6.59 -4.20
CA PHE B 244 -11.13 7.77 -4.50
C PHE B 244 -12.59 7.64 -4.12
N ARG B 245 -13.19 6.47 -4.33
CA ARG B 245 -14.58 6.25 -4.00
C ARG B 245 -14.88 6.47 -2.53
N LEU B 246 -14.06 5.88 -1.65
CA LEU B 246 -14.23 6.00 -0.21
C LEU B 246 -13.62 7.27 0.35
N LYS B 247 -13.13 8.12 -0.53
CA LYS B 247 -12.48 9.38 -0.16
C LYS B 247 -13.27 10.38 0.68
N LYS B 248 -14.61 10.33 0.61
CA LYS B 248 -15.44 11.24 1.40
C LYS B 248 -15.26 10.91 2.90
N TRP B 249 -15.23 9.61 3.17
CA TRP B 249 -15.09 9.10 4.52
C TRP B 249 -13.77 9.54 5.14
N ILE B 250 -12.68 9.23 4.44
CA ILE B 250 -11.32 9.58 4.86
C ILE B 250 -11.33 10.97 5.44
N GLN B 251 -11.62 11.94 4.60
CA GLN B 251 -11.67 13.33 5.04
C GLN B 251 -12.70 13.61 6.13
N LYS B 252 -13.80 12.85 6.17
CA LYS B 252 -14.81 13.05 7.20
C LYS B 252 -14.14 12.82 8.54
N VAL B 253 -13.37 11.73 8.57
CA VAL B 253 -12.61 11.30 9.76
C VAL B 253 -11.43 12.24 10.04
N ILE B 254 -10.76 12.69 8.99
CA ILE B 254 -9.62 13.56 9.18
C ILE B 254 -9.83 15.03 9.56
N ASP B 255 -10.68 15.75 8.83
CA ASP B 255 -10.84 17.18 9.08
C ASP B 255 -10.98 17.76 10.51
N GLN B 256 -12.14 17.63 11.14
CA GLN B 256 -12.29 18.19 12.47
C GLN B 256 -12.06 17.22 13.62
N PHE B 257 -11.84 15.95 13.28
CA PHE B 257 -11.58 14.91 14.27
C PHE B 257 -10.11 14.97 14.72
N GLY B 258 -9.32 13.99 14.29
CA GLY B 258 -7.93 13.95 14.69
C GLY B 258 -7.04 15.02 14.07
N GLU B 259 -7.15 16.25 14.57
CA GLU B 259 -6.34 17.34 14.07
C GLU B 259 -5.51 17.86 15.25
N ASP C 2 13.81 -13.95 12.59
CA ASP C 2 12.91 -12.95 13.13
C ASP C 2 13.36 -11.52 12.84
N PHE C 3 12.93 -10.60 13.70
CA PHE C 3 13.20 -9.19 13.57
C PHE C 3 14.14 -8.74 14.68
N GLU C 4 14.98 -7.78 14.35
CA GLU C 4 15.92 -7.22 15.29
C GLU C 4 15.13 -6.57 16.40
N GLU C 5 15.45 -6.93 17.62
CA GLU C 5 14.81 -6.37 18.81
C GLU C 5 14.77 -4.85 18.64
N ILE C 6 13.84 -4.20 19.29
CA ILE C 6 13.74 -2.77 19.17
C ILE C 6 13.67 -2.09 20.52
N PRO C 7 14.08 -0.80 20.57
CA PRO C 7 14.06 -0.02 21.81
C PRO C 7 12.81 -0.26 22.62
N GLU C 8 13.01 -0.87 23.79
CA GLU C 8 11.94 -1.20 24.71
C GLU C 8 10.89 -0.10 24.88
N GLU C 9 11.36 1.14 24.88
CA GLU C 9 10.48 2.30 25.03
C GLU C 9 9.28 2.22 24.09
N TYS C 10 9.47 1.60 22.92
CA TYS C 10 8.39 1.47 21.95
CB TYS C 10 8.98 1.23 20.55
CG TYS C 10 9.86 2.37 20.07
CD1 TYS C 10 9.37 3.70 20.00
CD2 TYS C 10 11.18 2.14 19.69
CE1 TYS C 10 10.20 4.74 19.57
CE2 TYS C 10 12.00 3.19 19.25
CZ TYS C 10 11.51 4.49 19.20
OH TYS C 10 12.31 5.53 18.75
S TYS C 10 12.70 5.54 17.41
O1 TYS C 10 13.15 4.23 16.96
O2 TYS C 10 11.62 5.96 16.54
O3 TYS C 10 13.79 6.49 17.24
C TYS C 10 7.39 0.38 22.34
O TYS C 10 6.98 -0.44 21.51
N LEU C 11 7.03 0.39 23.63
CA LEU C 11 6.07 -0.53 24.26
C LEU C 11 5.56 0.14 25.55
N GLN C 12 4.95 1.32 25.39
CA GLN C 12 4.42 2.09 26.52
C GLN C 12 3.01 2.64 26.19
C 0E7 D . -3.46 -10.38 0.24
O 0E7 D . -2.77 -11.41 0.01
CA 0E7 D . -2.98 -8.99 -0.19
CB 0E7 D . -2.41 -8.89 -1.59
CD 0E7 D . -3.38 -9.18 -2.70
NE 0E7 D . -3.52 -10.61 -2.85
CZ 0E7 D . -3.25 -11.31 -3.94
NH1 0E7 D . -2.82 -10.73 -5.06
NH2 0E7 D . -3.37 -12.60 -3.87
N 0E7 D . -4.68 -10.38 0.77
CA1 0E7 D . -5.43 -11.56 1.24
C1 0E7 D . -5.68 -12.59 0.11
O1 0E7 D . -5.74 -12.23 -1.08
CB1 0E7 D . -6.79 -11.04 1.74
CG 0E7 D . -7.58 -12.04 2.51
CD1 0E7 D . -7.34 -12.21 3.90
CD2 0E7 D . -8.55 -12.86 1.87
CE1 0E7 D . -8.05 -13.19 4.65
CE2 0E7 D . -9.27 -13.85 2.61
CZ1 0E7 D . -9.02 -14.02 3.99
N1 0E7 D . -5.76 -13.88 0.47
CA2 0E7 D . -6.05 -14.92 -0.54
CB2 0E7 D . -4.85 -15.91 -0.78
CG2 0E7 D . -3.58 -15.17 -1.26
OG1 0E7 D . -5.22 -16.86 -1.79
C2 0E7 D . -7.34 -15.68 -0.21
O2 0E7 D . -7.65 -15.94 0.95
N2 0E7 D . -8.11 -15.96 -1.26
CA3 0E7 D . -9.38 -16.69 -1.20
C3 0E7 D . -9.16 -17.98 -1.96
CB3 0E7 D . -10.48 -15.90 -1.91
CG1 0E7 D . -11.15 -14.86 -1.06
CD11 0E7 D . -12.08 -15.24 -0.04
CD21 0E7 D . -10.92 -13.47 -1.32
CE11 0E7 D . -12.77 -14.24 0.73
CE21 0E7 D . -11.60 -12.46 -0.56
CZ2 0E7 D . -12.52 -12.84 0.46
O3 0E7 D . -9.72 -19.03 -1.60
CM 0E7 D . -8.26 -19.23 -3.94
OXT 0E7 D . -8.38 -18.06 -3.21
#